data_6AKL
#
_entry.id   6AKL
#
_cell.length_a   39.282
_cell.length_b   42.382
_cell.length_c   91.228
_cell.angle_alpha   90.00
_cell.angle_beta   90.00
_cell.angle_gamma   90.00
#
_symmetry.space_group_name_H-M   'P 21 21 21'
#
loop_
_entity.id
_entity.type
_entity.pdbx_description
1 polymer 'Suppressor of IKBKE 1'
2 polymer Striatin-3
3 water water
#
loop_
_entity_poly.entity_id
_entity_poly.type
_entity_poly.pdbx_seq_one_letter_code
_entity_poly.pdbx_strand_id
1 'polypeptide(L)' STMALLSQENTQIRDLQQENRELWISLEEHQDALELIMSKYRKQMLQLMVAKKA A,B
2 'polypeptide(L)' PQNSQLTWKQGRQLLRQYLQEVGYTD C
#
# COMPACT_ATOMS: atom_id res chain seq x y z
N SER A 1 -10.26 -36.12 -2.95
CA SER A 1 -11.58 -35.49 -3.06
C SER A 1 -12.11 -35.56 -4.49
N THR A 2 -13.42 -35.79 -4.62
CA THR A 2 -14.06 -35.76 -5.93
C THR A 2 -14.91 -34.51 -6.15
N MET A 3 -15.11 -33.68 -5.10
CA MET A 3 -15.99 -32.52 -5.15
C MET A 3 -15.45 -31.36 -5.99
N ALA A 4 -14.19 -31.40 -6.43
CA ALA A 4 -13.60 -30.42 -7.35
C ALA A 4 -13.47 -29.08 -6.61
N LEU A 5 -13.92 -27.96 -7.20
CA LEU A 5 -13.70 -26.64 -6.64
C LEU A 5 -14.30 -26.48 -5.25
N LEU A 6 -15.34 -27.25 -4.95
CA LEU A 6 -16.09 -27.08 -3.72
C LEU A 6 -15.63 -28.01 -2.61
N SER A 7 -14.56 -28.76 -2.82
CA SER A 7 -13.99 -29.54 -1.73
C SER A 7 -13.49 -28.61 -0.64
N GLN A 8 -13.46 -29.12 0.60
CA GLN A 8 -13.09 -28.28 1.73
C GLN A 8 -11.68 -27.71 1.56
N GLU A 9 -10.73 -28.54 1.12
CA GLU A 9 -9.37 -28.06 0.94
C GLU A 9 -9.30 -27.03 -0.19
N ASN A 10 -10.03 -27.27 -1.28
CA ASN A 10 -9.93 -26.37 -2.42
C ASN A 10 -10.61 -25.04 -2.16
N THR A 11 -11.72 -25.03 -1.40
CA THR A 11 -12.32 -23.75 -1.05
C THR A 11 -11.44 -22.97 -0.08
N GLN A 12 -10.73 -23.64 0.83
CA GLN A 12 -9.77 -22.94 1.69
C GLN A 12 -8.70 -22.27 0.85
N ILE A 13 -8.14 -23.02 -0.10
CA ILE A 13 -7.13 -22.48 -1.01
C ILE A 13 -7.70 -21.31 -1.80
N ARG A 14 -8.88 -21.51 -2.41
CA ARG A 14 -9.50 -20.50 -3.24
C ARG A 14 -9.80 -19.23 -2.44
N ASP A 15 -10.29 -19.38 -1.20
CA ASP A 15 -10.57 -18.20 -0.38
C ASP A 15 -9.29 -17.43 -0.07
N LEU A 16 -8.20 -18.15 0.23
CA LEU A 16 -6.93 -17.47 0.50
C LEU A 16 -6.41 -16.80 -0.76
N GLN A 17 -6.51 -17.47 -1.91
CA GLN A 17 -6.07 -16.83 -3.15
C GLN A 17 -6.90 -15.59 -3.44
N GLN A 18 -8.21 -15.64 -3.22
CA GLN A 18 -9.06 -14.47 -3.47
C GLN A 18 -8.71 -13.31 -2.55
N GLU A 19 -8.50 -13.58 -1.25
CA GLU A 19 -8.17 -12.50 -0.32
C GLU A 19 -6.79 -11.94 -0.63
N ASN A 20 -5.85 -12.81 -0.97
CA ASN A 20 -4.51 -12.32 -1.30
C ASN A 20 -4.57 -11.44 -2.53
N ARG A 21 -5.41 -11.81 -3.50
N ARG A 21 -5.41 -11.79 -3.51
CA ARG A 21 -5.64 -10.98 -4.69
CA ARG A 21 -5.56 -10.93 -4.68
C ARG A 21 -6.21 -9.63 -4.32
C ARG A 21 -6.20 -9.59 -4.30
N GLU A 22 -7.18 -9.59 -3.40
CA GLU A 22 -7.77 -8.31 -2.99
C GLU A 22 -6.72 -7.44 -2.32
N LEU A 23 -5.87 -8.05 -1.49
CA LEU A 23 -4.79 -7.30 -0.83
C LEU A 23 -3.79 -6.76 -1.84
N TRP A 24 -3.43 -7.58 -2.84
N TRP A 24 -3.40 -7.60 -2.82
CA TRP A 24 -2.52 -7.11 -3.88
CA TRP A 24 -2.53 -7.13 -3.90
C TRP A 24 -3.13 -5.96 -4.68
C TRP A 24 -3.14 -5.93 -4.60
N ILE A 25 -4.42 -6.04 -4.98
CA ILE A 25 -5.09 -4.95 -5.69
C ILE A 25 -5.10 -3.69 -4.84
N SER A 26 -5.37 -3.82 -3.54
N SER A 26 -5.37 -3.83 -3.54
CA SER A 26 -5.36 -2.64 -2.69
CA SER A 26 -5.35 -2.68 -2.65
C SER A 26 -3.96 -2.04 -2.59
C SER A 26 -3.97 -2.05 -2.58
N LEU A 27 -2.93 -2.88 -2.55
CA LEU A 27 -1.56 -2.35 -2.55
C LEU A 27 -1.28 -1.54 -3.81
N GLU A 28 -1.65 -2.07 -4.97
CA GLU A 28 -1.48 -1.34 -6.22
C GLU A 28 -2.25 -0.03 -6.20
N GLU A 29 -3.47 -0.06 -5.66
CA GLU A 29 -4.26 1.16 -5.54
C GLU A 29 -3.59 2.20 -4.64
N HIS A 30 -3.02 1.74 -3.53
CA HIS A 30 -2.27 2.64 -2.65
C HIS A 30 -1.04 3.23 -3.34
N GLN A 31 -0.28 2.42 -4.08
CA GLN A 31 0.88 2.97 -4.80
C GLN A 31 0.44 3.96 -5.88
N ASP A 32 -0.65 3.66 -6.60
CA ASP A 32 -1.15 4.63 -7.59
C ASP A 32 -1.52 5.95 -6.93
N ALA A 33 -2.25 5.87 -5.81
CA ALA A 33 -2.63 7.07 -5.08
C ALA A 33 -1.42 7.83 -4.56
N LEU A 34 -0.42 7.13 -4.04
CA LEU A 34 0.78 7.79 -3.53
C LEU A 34 1.54 8.53 -4.63
N GLU A 35 1.71 7.92 -5.80
CA GLU A 35 2.49 8.65 -6.79
C GLU A 35 1.68 9.82 -7.34
N LEU A 36 0.35 9.75 -7.31
CA LEU A 36 -0.45 10.88 -7.74
C LEU A 36 -0.39 12.03 -6.74
N ILE A 37 -0.48 11.73 -5.45
N ILE A 37 -0.46 11.73 -5.44
CA ILE A 37 -0.38 12.79 -4.44
CA ILE A 37 -0.40 12.80 -4.44
C ILE A 37 1.01 13.40 -4.44
C ILE A 37 1.01 13.39 -4.37
N MET A 38 2.04 12.57 -4.59
CA MET A 38 3.40 13.12 -4.62
C MET A 38 3.57 14.06 -5.79
N SER A 39 2.93 13.78 -6.93
N SER A 39 2.94 13.77 -6.95
CA SER A 39 3.01 14.68 -8.07
CA SER A 39 3.00 14.68 -8.08
C SER A 39 2.36 16.03 -7.77
C SER A 39 2.40 16.03 -7.71
N LYS A 40 1.24 16.02 -7.03
CA LYS A 40 0.61 17.28 -6.63
C LYS A 40 1.45 18.00 -5.57
N TYR A 41 2.02 17.24 -4.62
CA TYR A 41 2.87 17.83 -3.60
C TYR A 41 4.02 18.62 -4.22
N ARG A 42 4.69 18.04 -5.23
CA ARG A 42 5.81 18.74 -5.82
C ARG A 42 5.37 20.02 -6.53
N LYS A 43 4.25 19.95 -7.27
CA LYS A 43 3.73 21.17 -7.92
C LYS A 43 3.44 22.25 -6.90
N GLN A 44 2.69 21.90 -5.85
CA GLN A 44 2.35 22.88 -4.81
C GLN A 44 3.60 23.45 -4.15
N MET A 45 4.65 22.64 -4.03
CA MET A 45 5.90 23.11 -3.43
C MET A 45 6.57 24.16 -4.30
N LEU A 46 6.49 24.01 -5.61
CA LEU A 46 6.98 25.05 -6.51
C LEU A 46 6.20 26.35 -6.33
N GLN A 47 4.87 26.25 -6.26
CA GLN A 47 4.07 27.45 -6.03
C GLN A 47 4.41 28.09 -4.70
N LEU A 48 4.65 27.27 -3.67
CA LEU A 48 4.98 27.79 -2.35
C LEU A 48 6.32 28.53 -2.36
N MET A 49 7.37 27.89 -2.89
CA MET A 49 8.67 28.54 -2.98
C MET A 49 8.65 29.74 -3.91
N VAL A 50 7.71 29.80 -4.85
CA VAL A 50 7.59 30.95 -5.74
C VAL A 50 6.97 32.14 -5.00
N ALA A 51 5.89 31.90 -4.27
CA ALA A 51 5.26 32.97 -3.50
C ALA A 51 6.05 33.30 -2.24
N LYS A 52 6.53 32.28 -1.53
CA LYS A 52 7.22 32.48 -0.25
C LYS A 52 8.65 31.96 -0.30
N LEU B 6 1.12 -32.26 6.48
CA LEU B 6 0.77 -33.55 5.91
C LEU B 6 0.97 -33.57 4.40
N SER B 7 -0.09 -33.26 3.66
CA SER B 7 -0.10 -33.33 2.21
C SER B 7 0.37 -32.00 1.60
N GLN B 8 0.39 -31.94 0.26
CA GLN B 8 0.84 -30.74 -0.41
C GLN B 8 -0.24 -29.65 -0.44
N GLU B 9 -1.52 -30.04 -0.38
CA GLU B 9 -2.57 -29.05 -0.22
C GLU B 9 -2.44 -28.34 1.11
N ASN B 10 -2.08 -29.07 2.16
CA ASN B 10 -1.81 -28.43 3.45
C ASN B 10 -0.59 -27.52 3.37
N THR B 11 0.42 -27.91 2.59
CA THR B 11 1.56 -27.02 2.41
C THR B 11 1.17 -25.77 1.65
N GLN B 12 0.33 -25.91 0.61
CA GLN B 12 -0.11 -24.76 -0.16
C GLN B 12 -0.97 -23.82 0.70
N ILE B 13 -1.78 -24.37 1.58
CA ILE B 13 -2.57 -23.55 2.49
C ILE B 13 -1.65 -22.77 3.43
N ARG B 14 -0.65 -23.46 4.01
N ARG B 14 -0.67 -23.46 4.03
CA ARG B 14 0.24 -22.78 4.95
CA ARG B 14 0.24 -22.79 4.94
C ARG B 14 1.02 -21.68 4.26
C ARG B 14 1.00 -21.67 4.25
N ASP B 15 1.45 -21.92 3.02
CA ASP B 15 2.17 -20.89 2.25
C ASP B 15 1.27 -19.70 1.97
N LEU B 16 0.01 -19.95 1.63
CA LEU B 16 -0.93 -18.87 1.33
C LEU B 16 -1.27 -18.09 2.57
N GLN B 17 -1.35 -18.76 3.74
CA GLN B 17 -1.60 -18.02 4.97
C GLN B 17 -0.44 -17.12 5.34
N GLN B 18 0.78 -17.63 5.17
CA GLN B 18 1.95 -16.79 5.44
C GLN B 18 1.98 -15.59 4.48
N GLU B 19 1.65 -15.82 3.20
CA GLU B 19 1.63 -14.71 2.26
C GLU B 19 0.55 -13.70 2.62
N ASN B 20 -0.62 -14.20 3.06
CA ASN B 20 -1.70 -13.33 3.52
C ASN B 20 -1.23 -12.43 4.66
N ARG B 21 -0.56 -13.01 5.65
CA ARG B 21 -0.07 -12.19 6.77
C ARG B 21 0.91 -11.13 6.29
N GLU B 22 1.78 -11.49 5.34
CA GLU B 22 2.75 -10.56 4.80
C GLU B 22 2.06 -9.41 4.08
N LEU B 23 1.05 -9.76 3.28
CA LEU B 23 0.31 -8.74 2.53
C LEU B 23 -0.42 -7.78 3.46
N TRP B 24 -1.03 -8.30 4.54
CA TRP B 24 -1.69 -7.40 5.47
C TRP B 24 -0.70 -6.43 6.09
N ILE B 25 0.52 -6.91 6.39
CA ILE B 25 1.55 -6.04 6.97
C ILE B 25 1.95 -4.96 5.97
N SER B 26 2.17 -5.34 4.72
N SER B 26 2.15 -5.34 4.71
CA SER B 26 2.54 -4.33 3.72
CA SER B 26 2.54 -4.37 3.70
C SER B 26 1.42 -3.31 3.52
C SER B 26 1.44 -3.33 3.46
N LEU B 27 0.18 -3.76 3.53
CA LEU B 27 -0.92 -2.82 3.33
C LEU B 27 -0.99 -1.82 4.48
N GLU B 28 -0.72 -2.29 5.70
CA GLU B 28 -0.68 -1.38 6.84
C GLU B 28 0.38 -0.32 6.65
N GLU B 29 1.56 -0.71 6.16
CA GLU B 29 2.62 0.26 5.92
C GLU B 29 2.23 1.24 4.82
N HIS B 30 1.61 0.74 3.73
CA HIS B 30 1.18 1.64 2.66
C HIS B 30 0.08 2.60 3.14
N GLN B 31 -0.87 2.10 3.94
CA GLN B 31 -1.92 2.98 4.43
C GLN B 31 -1.33 4.05 5.36
N ASP B 32 -0.40 3.68 6.23
CA ASP B 32 0.24 4.63 7.13
C ASP B 32 1.02 5.68 6.35
N ALA B 33 1.80 5.23 5.35
CA ALA B 33 2.54 6.19 4.54
C ALA B 33 1.61 7.15 3.82
N LEU B 34 0.50 6.64 3.27
CA LEU B 34 -0.42 7.52 2.56
C LEU B 34 -1.01 8.55 3.51
N GLU B 35 -1.37 8.12 4.73
CA GLU B 35 -1.91 9.06 5.71
C GLU B 35 -0.87 10.13 6.09
N LEU B 36 0.39 9.74 6.28
CA LEU B 36 1.43 10.71 6.63
C LEU B 36 1.67 11.70 5.50
N ILE B 37 1.66 11.20 4.25
CA ILE B 37 1.91 12.10 3.11
C ILE B 37 0.73 13.03 2.90
N MET B 38 -0.50 12.52 3.03
N MET B 38 -0.50 12.52 3.03
CA MET B 38 -1.66 13.38 2.89
CA MET B 38 -1.67 13.38 2.90
C MET B 38 -1.68 14.48 3.95
C MET B 38 -1.64 14.49 3.94
N SER B 39 -1.19 14.17 5.15
CA SER B 39 -1.15 15.18 6.21
C SER B 39 -0.18 16.30 5.85
N LYS B 40 1.02 15.95 5.36
CA LYS B 40 1.98 16.96 4.91
C LYS B 40 1.44 17.76 3.73
N TYR B 41 0.77 17.10 2.79
CA TYR B 41 0.21 17.80 1.64
C TYR B 41 -0.83 18.81 2.07
N ARG B 42 -1.69 18.43 3.02
CA ARG B 42 -2.68 19.35 3.56
C ARG B 42 -2.01 20.53 4.24
N LYS B 43 -1.01 20.26 5.09
CA LYS B 43 -0.32 21.35 5.78
C LYS B 43 0.44 22.26 4.82
N GLN B 44 0.97 21.70 3.72
CA GLN B 44 1.59 22.53 2.70
C GLN B 44 0.56 23.44 2.03
N MET B 45 -0.64 22.92 1.81
CA MET B 45 -1.69 23.75 1.23
C MET B 45 -2.03 24.91 2.17
N LEU B 46 -2.07 24.65 3.48
CA LEU B 46 -2.30 25.71 4.45
C LEU B 46 -1.22 26.78 4.36
N GLN B 47 0.04 26.35 4.24
CA GLN B 47 1.11 27.34 4.14
C GLN B 47 1.05 28.08 2.81
N LEU B 48 0.58 27.43 1.74
CA LEU B 48 0.39 28.17 0.49
C LEU B 48 -0.76 29.15 0.61
N MET B 49 -1.74 28.85 1.46
CA MET B 49 -2.85 29.77 1.72
C MET B 49 -2.36 30.98 2.53
N VAL B 50 -1.45 30.73 3.48
CA VAL B 50 -0.90 31.82 4.29
C VAL B 50 -0.02 32.74 3.44
N ALA B 51 0.77 32.16 2.54
CA ALA B 51 1.67 32.96 1.72
C ALA B 51 0.91 33.75 0.66
N LYS B 52 -0.07 33.13 0.01
CA LYS B 52 -0.87 33.82 -1.00
C LYS B 52 -1.97 34.66 -0.35
N TRP C 8 10.60 -8.78 -3.49
CA TRP C 8 9.75 -9.04 -2.33
C TRP C 8 9.17 -7.74 -1.78
N LYS C 9 9.35 -7.49 -0.48
CA LYS C 9 8.84 -6.28 0.15
C LYS C 9 9.83 -5.12 0.09
N GLN C 10 10.53 -4.97 -1.04
CA GLN C 10 11.39 -3.81 -1.25
C GLN C 10 10.60 -2.52 -1.48
N GLY C 11 9.27 -2.59 -1.54
CA GLY C 11 8.47 -1.39 -1.68
C GLY C 11 8.58 -0.42 -0.52
N ARG C 12 9.23 -0.84 0.58
CA ARG C 12 9.45 0.07 1.70
C ARG C 12 10.41 1.19 1.33
N GLN C 13 11.40 0.91 0.49
CA GLN C 13 12.35 1.97 0.16
C GLN C 13 11.67 3.10 -0.62
N LEU C 14 10.72 2.76 -1.49
CA LEU C 14 9.96 3.79 -2.18
C LEU C 14 9.13 4.60 -1.21
N LEU C 15 8.43 3.93 -0.29
CA LEU C 15 7.66 4.65 0.71
C LEU C 15 8.55 5.59 1.51
N ARG C 16 9.74 5.11 1.91
CA ARG C 16 10.63 5.96 2.68
C ARG C 16 11.13 7.15 1.87
N GLN C 17 11.38 6.95 0.57
CA GLN C 17 11.75 8.07 -0.30
C GLN C 17 10.67 9.14 -0.30
N TYR C 18 9.41 8.73 -0.45
CA TYR C 18 8.30 9.67 -0.42
C TYR C 18 8.22 10.38 0.93
N LEU C 19 8.33 9.62 2.01
CA LEU C 19 8.18 10.21 3.34
C LEU C 19 9.30 11.22 3.60
N GLN C 20 10.51 10.89 3.15
CA GLN C 20 11.61 11.85 3.33
C GLN C 20 11.45 13.05 2.42
N GLU C 21 10.86 12.87 1.24
CA GLU C 21 10.68 14.00 0.33
C GLU C 21 9.72 15.03 0.92
N VAL C 22 8.71 14.59 1.66
CA VAL C 22 7.76 15.54 2.25
C VAL C 22 8.20 15.97 3.65
N GLY C 23 9.40 15.56 4.07
CA GLY C 23 10.00 16.14 5.26
C GLY C 23 10.01 15.30 6.52
N TYR C 24 9.58 14.04 6.46
CA TYR C 24 9.75 13.18 7.62
C TYR C 24 11.18 12.66 7.67
N THR C 25 11.61 12.27 8.87
CA THR C 25 13.00 11.92 9.12
C THR C 25 13.09 10.56 9.79
N ASP C 26 14.31 10.02 9.79
CA ASP C 26 14.62 8.81 10.51
C ASP C 26 15.09 9.15 11.92
#